data_4AL8
#
_entry.id   4AL8
#
_cell.length_a   40.401
_cell.length_b   60.603
_cell.length_c   62.833
_cell.angle_alpha   93.32
_cell.angle_beta   102.10
_cell.angle_gamma   101.51
#
_symmetry.space_group_name_H-M   'P 1'
#
loop_
_entity.id
_entity.type
_entity.pdbx_description
1 polymer 'ENVELOPE PROTEIN'
2 polymer 'FAB 2H12 HEAVY CHAIN'
3 polymer 'FAB 2H12 LIGHT CHAIN'
4 non-polymer GLYCEROL
5 water water
#
loop_
_entity_poly.entity_id
_entity_poly.type
_entity_poly.pdbx_seq_one_letter_code
_entity_poly.pdbx_strand_id
1 'polypeptide(L)'
;KGMSYVMCTGSFKLEKEVAETQHGTVLVQVKYEGTDAPCKIPFSSQDEKGVTQNGRLITANPIVTDKEKPVNIEAEPPFG
ESYIVVGAGEKALKLSWFKKG
;
C
2 'polypeptide(L)'
;DVQLVEPGAELVQPGASVKMSCKASGYTFSSYWINWEKQRPGKGLEWIGNIYPGSGTVNYDDKFKSKATLTIDTSSNTAY
MQLSSLTSEDSAVYYCTRGGSHAMDYWGQGTSVTVSSAKTTPPSVYPLAPGCGDTTGSSVTLGCLVKGYFPESVTVTWNS
GSLSSSVHTFPALLQSGLYTMSSSVTVPSSTWPSQTVTCSVAHPASSTTVDKKLEPR
;
H
3 'polypeptide(L)'
;DIVMTQSQKFMSTSVGDRVSITCKASQNVRTSVAWYQQKPGQSPKALIYLASNRHTGVPDRFTGSGSGTDFTLTISNVQS
EDLADYFCLQHWTYPYTFGGGTKLEIKRADAAPTVSIFPPSSEQLTSGGASVVCFLNNFYPKDINVKWKIDGSERQNGVL
NSWTDQDSKDSTYSMSSTLTLTKDEYERHNSYTCEATHKTSTSPIVKSFNRNE
;
L
#
# COMPACT_ATOMS: atom_id res chain seq x y z
N SER A 4 30.26 -5.60 17.72
CA SER A 4 30.66 -4.37 17.04
C SER A 4 31.53 -4.68 15.83
N TYR A 5 31.54 -3.78 14.85
CA TYR A 5 32.37 -3.93 13.66
C TYR A 5 33.77 -3.40 13.96
N VAL A 6 34.75 -3.87 13.21
CA VAL A 6 36.12 -3.37 13.33
C VAL A 6 36.15 -2.11 12.40
N MET A 7 37.01 -1.09 12.66
CA MET A 7 37.09 0.03 11.75
C MET A 7 37.75 -0.42 10.46
N CYS A 8 37.19 -0.02 9.29
CA CYS A 8 37.79 -0.37 8.00
C CYS A 8 39.24 0.11 8.01
N THR A 9 40.18 -0.77 7.63
CA THR A 9 41.59 -0.36 7.57
C THR A 9 42.00 0.11 6.15
N GLY A 10 41.17 -0.19 5.15
CA GLY A 10 41.46 0.10 3.76
C GLY A 10 41.22 1.53 3.28
N SER A 11 41.46 1.74 1.98
CA SER A 11 41.30 3.03 1.35
C SER A 11 39.95 3.14 0.65
N PHE A 12 39.50 4.37 0.46
CA PHE A 12 38.23 4.69 -0.21
C PHE A 12 38.45 5.60 -1.41
N LYS A 13 37.63 5.44 -2.43
CA LYS A 13 37.60 6.35 -3.53
C LYS A 13 36.18 6.76 -3.84
N LEU A 14 36.05 7.87 -4.54
CA LEU A 14 34.76 8.38 -4.91
C LEU A 14 34.15 7.53 -6.03
N GLU A 15 32.90 7.12 -5.86
CA GLU A 15 32.21 6.34 -6.88
C GLU A 15 31.62 7.27 -7.97
N LYS A 16 31.22 8.50 -7.58
CA LYS A 16 30.64 9.50 -8.47
C LYS A 16 30.79 10.87 -7.84
N GLU A 17 30.37 11.93 -8.54
CA GLU A 17 30.48 13.29 -8.02
C GLU A 17 29.72 13.50 -6.73
N VAL A 18 30.37 14.20 -5.77
CA VAL A 18 29.77 14.60 -4.50
C VAL A 18 28.63 15.59 -4.87
N ALA A 19 27.47 15.48 -4.19
CA ALA A 19 26.31 16.32 -4.54
C ALA A 19 25.42 16.57 -3.38
N GLU A 20 24.66 17.66 -3.45
CA GLU A 20 23.66 17.96 -2.45
C GLU A 20 22.46 17.02 -2.63
N THR A 21 21.80 16.69 -1.51
CA THR A 21 20.63 15.81 -1.52
C THR A 21 19.34 16.63 -1.58
N GLN A 22 18.22 15.94 -1.73
CA GLN A 22 16.90 16.57 -1.77
C GLN A 22 16.59 17.33 -0.46
N HIS A 23 17.12 16.83 0.68
CA HIS A 23 16.93 17.42 2.02
C HIS A 23 18.09 18.35 2.45
N GLY A 24 18.95 18.71 1.51
CA GLY A 24 19.99 19.72 1.75
C GLY A 24 21.28 19.26 2.40
N THR A 25 21.49 17.94 2.55
CA THR A 25 22.76 17.45 3.08
C THR A 25 23.72 17.26 1.91
N VAL A 26 24.96 16.83 2.19
CA VAL A 26 25.96 16.57 1.13
C VAL A 26 26.30 15.09 1.12
N LEU A 27 26.05 14.44 -0.02
CA LEU A 27 26.26 12.99 -0.10
C LEU A 27 27.51 12.65 -0.88
N VAL A 28 28.35 11.84 -0.24
CA VAL A 28 29.58 11.31 -0.81
C VAL A 28 29.33 9.82 -0.99
N GLN A 29 29.43 9.32 -2.23
CA GLN A 29 29.27 7.88 -2.43
C GLN A 29 30.65 7.30 -2.65
N VAL A 30 31.06 6.36 -1.78
CA VAL A 30 32.41 5.80 -1.82
C VAL A 30 32.50 4.34 -2.23
N LYS A 31 33.61 3.97 -2.87
CA LYS A 31 33.89 2.58 -3.24
C LYS A 31 35.07 2.15 -2.37
N TYR A 32 34.87 1.10 -1.57
CA TYR A 32 35.91 0.58 -0.68
C TYR A 32 36.90 -0.31 -1.38
N GLU A 33 38.20 -0.12 -1.09
CA GLU A 33 39.29 -0.88 -1.71
C GLU A 33 39.94 -1.96 -0.84
N GLY A 34 39.52 -2.08 0.42
CA GLY A 34 40.04 -3.07 1.37
C GLY A 34 39.39 -4.44 1.31
N THR A 35 39.79 -5.34 2.24
CA THR A 35 39.36 -6.74 2.29
C THR A 35 38.82 -7.20 3.67
N ASP A 36 38.37 -6.25 4.50
CA ASP A 36 37.90 -6.54 5.85
C ASP A 36 36.40 -6.25 6.06
N ALA A 37 35.64 -6.11 4.96
CA ALA A 37 34.20 -5.85 5.04
C ALA A 37 33.44 -7.10 5.50
N PRO A 38 32.38 -6.99 6.34
CA PRO A 38 31.79 -5.76 6.90
C PRO A 38 32.69 -5.03 7.89
N CYS A 39 32.83 -3.71 7.72
CA CYS A 39 33.67 -2.89 8.58
C CYS A 39 33.08 -1.49 8.74
N LYS A 40 33.44 -0.83 9.83
CA LYS A 40 32.92 0.49 10.16
C LYS A 40 33.72 1.59 9.47
N ILE A 41 33.03 2.50 8.76
CA ILE A 41 33.72 3.55 8.03
C ILE A 41 34.23 4.68 8.93
N PRO A 42 35.54 4.98 8.92
CA PRO A 42 36.04 6.15 9.66
C PRO A 42 35.62 7.41 8.90
N PHE A 43 35.15 8.43 9.63
CA PHE A 43 34.65 9.65 9.00
C PHE A 43 34.97 10.85 9.86
N SER A 44 35.31 11.96 9.21
CA SER A 44 35.50 13.20 9.94
C SER A 44 35.26 14.37 9.00
N SER A 45 35.09 15.57 9.58
CA SER A 45 34.91 16.78 8.78
C SER A 45 35.96 17.77 9.28
N GLN A 46 36.43 18.66 8.40
CA GLN A 46 37.40 19.67 8.85
C GLN A 46 36.98 21.06 8.35
N ASP A 47 37.37 22.11 9.05
CA ASP A 47 37.12 23.45 8.59
C ASP A 47 38.11 23.85 7.53
N GLU A 48 38.04 25.12 7.13
CA GLU A 48 38.90 25.62 6.08
C GLU A 48 40.38 25.49 6.38
N LYS A 49 40.71 25.42 7.66
CA LYS A 49 42.09 25.38 8.06
C LYS A 49 42.54 23.97 8.27
N GLY A 50 41.69 23.02 7.93
CA GLY A 50 41.97 21.59 8.06
C GLY A 50 41.88 21.08 9.48
N VAL A 51 41.21 21.86 10.38
CA VAL A 51 40.98 21.49 11.79
C VAL A 51 39.67 20.69 11.90
N THR A 52 39.72 19.54 12.61
CA THR A 52 38.59 18.62 12.83
C THR A 52 37.41 19.32 13.52
N GLN A 53 36.19 19.12 12.97
CA GLN A 53 34.95 19.66 13.53
C GLN A 53 33.96 18.51 13.69
N ASN A 54 33.40 18.32 14.89
CA ASN A 54 32.49 17.19 15.13
C ASN A 54 31.02 17.46 14.97
N GLY A 55 30.23 16.39 14.93
CA GLY A 55 28.78 16.44 14.86
C GLY A 55 28.19 16.73 13.50
N ARG A 56 28.99 16.56 12.43
CA ARG A 56 28.51 16.85 11.08
C ARG A 56 28.24 15.60 10.21
N LEU A 57 28.32 14.41 10.80
CA LEU A 57 27.99 13.18 10.09
C LEU A 57 26.49 12.96 10.27
N ILE A 58 25.76 12.85 9.14
CA ILE A 58 24.29 12.65 9.19
C ILE A 58 24.00 11.15 9.23
N THR A 59 24.66 10.37 8.38
CA THR A 59 24.46 8.92 8.30
C THR A 59 24.83 8.25 9.64
N ALA A 60 23.92 7.44 10.18
CA ALA A 60 24.24 6.75 11.41
C ALA A 60 25.13 5.56 11.08
N ASN A 61 26.29 5.46 11.77
CA ASN A 61 27.16 4.28 11.66
C ASN A 61 27.39 3.77 10.24
N PRO A 62 27.98 4.60 9.33
CA PRO A 62 28.24 4.11 7.97
C PRO A 62 29.18 2.92 7.99
N ILE A 63 28.81 1.89 7.24
CA ILE A 63 29.54 0.65 7.13
C ILE A 63 29.70 0.23 5.69
N VAL A 64 30.75 -0.56 5.41
CA VAL A 64 30.94 -1.26 4.15
C VAL A 64 30.48 -2.67 4.48
N THR A 65 29.51 -3.20 3.73
CA THR A 65 29.07 -4.60 3.96
C THR A 65 29.69 -5.50 2.91
N ASP A 66 29.92 -4.96 1.71
CA ASP A 66 30.51 -5.69 0.59
C ASP A 66 31.36 -4.69 -0.21
N LYS A 67 32.66 -5.02 -0.36
CA LYS A 67 33.66 -4.19 -1.05
C LYS A 67 33.17 -3.82 -2.46
N GLU A 68 32.37 -4.70 -3.08
CA GLU A 68 31.88 -4.46 -4.43
C GLU A 68 30.71 -3.47 -4.50
N LYS A 69 30.07 -3.19 -3.36
CA LYS A 69 28.92 -2.29 -3.31
C LYS A 69 29.27 -0.91 -2.76
N PRO A 70 29.07 0.17 -3.55
CA PRO A 70 29.33 1.54 -3.04
C PRO A 70 28.44 1.87 -1.86
N VAL A 71 28.89 2.83 -1.04
CA VAL A 71 28.20 3.23 0.19
C VAL A 71 27.95 4.71 0.16
N ASN A 72 26.69 5.11 0.42
CA ASN A 72 26.32 6.52 0.55
C ASN A 72 26.64 7.02 1.95
N ILE A 73 27.26 8.20 2.03
CA ILE A 73 27.54 8.81 3.32
C ILE A 73 27.09 10.28 3.24
N GLU A 74 26.23 10.73 4.16
CA GLU A 74 25.78 12.13 4.14
C GLU A 74 26.43 12.91 5.26
N ALA A 75 26.78 14.16 4.96
CA ALA A 75 27.37 15.10 5.91
C ALA A 75 26.57 16.38 5.91
N GLU A 76 26.75 17.19 6.95
CA GLU A 76 26.13 18.51 7.07
C GLU A 76 27.25 19.53 7.18
N PRO A 77 27.90 19.93 6.05
CA PRO A 77 29.02 20.87 6.15
C PRO A 77 28.57 22.27 6.58
N PRO A 78 29.52 23.05 7.11
CA PRO A 78 29.20 24.43 7.45
C PRO A 78 29.11 25.31 6.18
N PHE A 79 28.56 26.54 6.30
CA PHE A 79 28.56 27.45 5.16
C PHE A 79 30.05 27.78 4.87
N GLY A 80 30.36 28.02 3.60
CA GLY A 80 31.72 28.32 3.17
C GLY A 80 32.55 27.10 2.89
N GLU A 81 33.87 27.20 3.12
CA GLU A 81 34.85 26.15 2.82
C GLU A 81 34.99 25.13 3.92
N SER A 82 35.10 23.85 3.54
CA SER A 82 35.31 22.77 4.51
C SER A 82 35.82 21.53 3.79
N TYR A 83 36.07 20.47 4.54
CA TYR A 83 36.49 19.20 3.95
C TYR A 83 35.71 18.07 4.57
N ILE A 84 35.49 17.02 3.79
CA ILE A 84 34.85 15.78 4.25
C ILE A 84 35.96 14.72 4.11
N VAL A 85 36.19 13.93 5.17
CA VAL A 85 37.28 12.97 5.14
C VAL A 85 36.77 11.56 5.40
N VAL A 86 36.99 10.65 4.45
CA VAL A 86 36.51 9.27 4.54
C VAL A 86 37.71 8.33 4.62
N GLY A 87 37.76 7.53 5.67
CA GLY A 87 38.87 6.62 5.89
C GLY A 87 39.86 7.14 6.90
N ALA A 88 40.74 6.27 7.37
CA ALA A 88 41.76 6.58 8.36
C ALA A 88 43.14 6.73 7.74
N GLY A 89 44.03 7.35 8.50
CA GLY A 89 45.42 7.55 8.15
C GLY A 89 45.67 8.64 7.13
N GLU A 90 46.89 8.67 6.57
CA GLU A 90 47.30 9.65 5.55
C GLU A 90 46.62 9.39 4.19
N LYS A 91 46.28 8.11 3.92
CA LYS A 91 45.61 7.60 2.70
C LYS A 91 44.10 8.00 2.63
N ALA A 92 43.57 8.63 3.72
CA ALA A 92 42.18 9.03 3.81
C ALA A 92 41.75 9.89 2.63
N LEU A 93 40.54 9.63 2.15
CA LEU A 93 39.97 10.38 1.04
C LEU A 93 39.52 11.72 1.60
N LYS A 94 40.17 12.80 1.18
CA LYS A 94 39.86 14.15 1.67
C LYS A 94 39.23 14.95 0.53
N LEU A 95 37.96 15.37 0.73
CA LEU A 95 37.20 16.08 -0.31
C LEU A 95 36.88 17.49 0.12
N SER A 96 37.20 18.47 -0.72
CA SER A 96 36.87 19.86 -0.38
C SER A 96 35.39 20.07 -0.68
N TRP A 97 34.74 20.99 0.05
CA TRP A 97 33.35 21.32 -0.23
C TRP A 97 33.15 22.81 0.00
N PHE A 98 32.39 23.49 -0.87
CA PHE A 98 32.07 24.90 -0.64
C PHE A 98 30.55 24.96 -0.57
N LYS A 99 30.00 25.46 0.54
CA LYS A 99 28.54 25.57 0.69
C LYS A 99 28.11 27.03 0.48
N LYS A 100 27.36 27.30 -0.63
CA LYS A 100 26.86 28.62 -1.04
C LYS A 100 25.93 29.28 -0.02
N GLY A 101 25.82 30.60 -0.14
CA GLY A 101 24.94 31.41 0.71
C GLY A 101 25.33 31.46 2.17
N ASP B 1 -2.12 24.63 -10.11
CA ASP B 1 -2.29 23.46 -10.96
C ASP B 1 -0.93 22.83 -11.26
N VAL B 2 -0.31 22.30 -10.24
CA VAL B 2 0.84 21.46 -10.46
C VAL B 2 0.31 20.06 -10.73
N GLN B 3 0.78 19.42 -11.77
CA GLN B 3 0.33 18.08 -12.14
C GLN B 3 1.50 17.15 -12.51
N LEU B 4 1.37 15.89 -12.13
CA LEU B 4 2.25 14.82 -12.53
C LEU B 4 1.44 13.64 -13.05
N VAL B 5 1.50 13.43 -14.34
CA VAL B 5 0.70 12.42 -15.00
C VAL B 5 1.50 11.17 -15.26
N GLU B 6 0.98 10.05 -14.79
CA GLU B 6 1.51 8.73 -15.03
C GLU B 6 0.44 7.89 -15.73
N PRO B 7 0.81 6.94 -16.57
CA PRO B 7 -0.20 6.05 -17.17
C PRO B 7 -0.84 5.21 -16.07
N GLY B 8 -2.13 4.92 -16.23
CA GLY B 8 -2.91 4.20 -15.23
C GLY B 8 -2.45 2.81 -14.84
N ALA B 9 -2.03 1.98 -15.83
CA ALA B 9 -1.67 0.60 -15.55
C ALA B 9 -0.74 -0.02 -16.58
N GLU B 10 -0.05 -1.09 -16.16
CA GLU B 10 0.84 -1.88 -17.01
C GLU B 10 0.78 -3.36 -16.62
N LEU B 11 0.54 -4.26 -17.61
CA LEU B 11 0.55 -5.70 -17.40
C LEU B 11 1.90 -6.20 -17.90
N VAL B 12 2.64 -6.91 -17.05
CA VAL B 12 4.00 -7.36 -17.38
C VAL B 12 4.10 -8.86 -17.19
N GLN B 13 4.73 -9.55 -18.13
CA GLN B 13 4.97 -10.99 -18.02
C GLN B 13 6.09 -11.20 -16.99
N PRO B 14 6.05 -12.31 -16.18
CA PRO B 14 7.16 -12.58 -15.25
C PRO B 14 8.47 -12.69 -16.04
N GLY B 15 9.52 -12.05 -15.52
CA GLY B 15 10.83 -12.05 -16.16
C GLY B 15 11.07 -10.89 -17.12
N ALA B 16 9.99 -10.20 -17.56
CA ALA B 16 10.10 -9.07 -18.48
C ALA B 16 10.41 -7.79 -17.71
N SER B 17 10.68 -6.69 -18.43
CA SER B 17 10.94 -5.38 -17.82
C SER B 17 9.81 -4.41 -18.16
N VAL B 18 9.77 -3.27 -17.46
CA VAL B 18 8.77 -2.24 -17.70
C VAL B 18 9.40 -0.87 -17.52
N LYS B 19 8.95 0.11 -18.30
CA LYS B 19 9.39 1.50 -18.21
C LYS B 19 8.14 2.36 -18.11
N MET B 20 8.04 3.17 -17.05
CA MET B 20 6.88 4.04 -16.85
C MET B 20 7.30 5.50 -16.77
N SER B 21 6.39 6.40 -17.16
CA SER B 21 6.64 7.83 -17.23
C SER B 21 5.92 8.64 -16.17
N CYS B 22 6.45 9.85 -15.96
CA CYS B 22 5.94 10.82 -15.02
C CYS B 22 6.12 12.20 -15.69
N LYS B 23 5.04 12.75 -16.23
CA LYS B 23 5.07 14.01 -16.95
C LYS B 23 4.60 15.14 -16.12
N ALA B 24 5.49 16.08 -15.91
CA ALA B 24 5.24 17.23 -15.05
C ALA B 24 4.78 18.46 -15.83
N SER B 25 3.90 19.25 -15.22
CA SER B 25 3.35 20.49 -15.76
C SER B 25 2.91 21.40 -14.62
N GLY B 26 2.73 22.69 -14.93
CA GLY B 26 2.29 23.70 -13.98
C GLY B 26 3.35 24.27 -13.07
N TYR B 27 4.62 23.88 -13.28
CA TYR B 27 5.78 24.33 -12.50
C TYR B 27 7.10 24.14 -13.27
N THR B 28 8.19 24.77 -12.80
CA THR B 28 9.52 24.66 -13.41
C THR B 28 10.08 23.29 -13.02
N PHE B 29 10.09 22.34 -13.98
CA PHE B 29 10.55 20.94 -13.79
C PHE B 29 11.94 20.82 -13.17
N SER B 30 12.91 21.62 -13.66
CA SER B 30 14.31 21.62 -13.20
C SER B 30 14.53 22.28 -11.83
N SER B 31 13.49 22.86 -11.21
CA SER B 31 13.60 23.53 -9.92
C SER B 31 13.26 22.63 -8.74
N TYR B 32 12.82 21.38 -9.01
CA TYR B 32 12.38 20.45 -7.98
C TYR B 32 12.87 19.03 -8.23
N TRP B 33 13.03 18.27 -7.14
CA TRP B 33 13.38 16.84 -7.24
C TRP B 33 12.15 16.02 -7.58
N ILE B 34 12.36 14.78 -8.06
CA ILE B 34 11.29 13.81 -8.33
C ILE B 34 11.58 12.59 -7.49
N ASN B 35 10.56 12.07 -6.80
CA ASN B 35 10.67 10.86 -5.99
C ASN B 35 9.84 9.76 -6.62
N TRP B 36 10.24 8.50 -6.39
CA TRP B 36 9.50 7.31 -6.84
C TRP B 36 9.23 6.41 -5.64
N GLU B 37 7.99 5.95 -5.52
CA GLU B 37 7.52 5.14 -4.41
C GLU B 37 6.81 3.89 -4.88
N LYS B 38 6.80 2.85 -4.02
CA LYS B 38 6.12 1.56 -4.27
C LYS B 38 5.06 1.36 -3.19
N GLN B 39 3.82 1.11 -3.60
CA GLN B 39 2.74 0.86 -2.64
C GLN B 39 2.01 -0.43 -2.99
N ARG B 40 2.09 -1.40 -2.08
CA ARG B 40 1.46 -2.71 -2.18
C ARG B 40 0.46 -2.86 -1.04
N PRO B 41 -0.70 -3.53 -1.25
CA PRO B 41 -1.63 -3.76 -0.13
C PRO B 41 -1.01 -4.68 0.92
N GLY B 42 -1.24 -4.36 2.19
CA GLY B 42 -0.69 -5.13 3.31
C GLY B 42 0.69 -4.71 3.77
N LYS B 43 1.46 -4.00 2.91
CA LYS B 43 2.83 -3.55 3.20
C LYS B 43 2.93 -2.02 3.25
N GLY B 44 3.81 -1.51 4.09
CA GLY B 44 4.04 -0.07 4.19
C GLY B 44 4.63 0.50 2.91
N LEU B 45 4.32 1.80 2.62
CA LEU B 45 4.87 2.47 1.44
C LEU B 45 6.40 2.43 1.49
N GLU B 46 7.05 2.35 0.32
CA GLU B 46 8.52 2.34 0.23
C GLU B 46 9.01 3.41 -0.72
N TRP B 47 10.14 4.03 -0.39
CA TRP B 47 10.77 5.03 -1.24
C TRP B 47 11.80 4.29 -2.09
N ILE B 48 11.68 4.41 -3.42
CA ILE B 48 12.59 3.73 -4.34
C ILE B 48 13.87 4.54 -4.56
N GLY B 49 13.69 5.83 -4.81
CA GLY B 49 14.80 6.73 -5.05
C GLY B 49 14.34 8.08 -5.51
N ASN B 50 15.31 8.98 -5.78
CA ASN B 50 15.00 10.32 -6.26
C ASN B 50 15.95 10.72 -7.36
N ILE B 51 15.64 11.82 -8.05
CA ILE B 51 16.41 12.34 -9.17
C ILE B 51 16.17 13.84 -9.29
N TYR B 52 17.24 14.59 -9.58
CA TYR B 52 17.14 16.02 -9.72
C TYR B 52 17.27 16.38 -11.21
N PRO B 53 16.16 16.80 -11.86
CA PRO B 53 16.19 17.06 -13.33
C PRO B 53 17.22 18.02 -13.91
N GLY B 54 17.57 19.06 -13.16
CA GLY B 54 18.52 20.06 -13.64
C GLY B 54 19.97 19.61 -13.70
N SER B 55 20.35 18.65 -12.84
CA SER B 55 21.73 18.15 -12.72
C SER B 55 21.94 16.69 -13.07
N GLY B 56 20.90 15.87 -12.90
CA GLY B 56 21.00 14.44 -13.15
C GLY B 56 21.37 13.65 -11.91
N THR B 57 21.58 14.35 -10.75
CA THR B 57 21.87 13.73 -9.45
C THR B 57 20.77 12.67 -9.22
N VAL B 58 21.16 11.48 -8.74
CA VAL B 58 20.24 10.38 -8.54
C VAL B 58 20.66 9.58 -7.32
N ASN B 59 19.69 9.19 -6.49
CA ASN B 59 19.94 8.37 -5.31
C ASN B 59 18.92 7.23 -5.26
N TYR B 60 19.37 6.07 -4.80
CA TYR B 60 18.52 4.89 -4.73
C TYR B 60 18.49 4.35 -3.33
N ASP B 61 17.35 3.79 -2.95
CA ASP B 61 17.25 2.92 -1.80
C ASP B 61 17.99 1.67 -2.19
N ASP B 62 18.92 1.19 -1.37
CA ASP B 62 19.67 -0.01 -1.73
C ASP B 62 18.79 -1.24 -2.00
N LYS B 63 17.61 -1.28 -1.40
CA LYS B 63 16.66 -2.34 -1.65
C LYS B 63 16.18 -2.44 -3.10
N PHE B 64 16.23 -1.32 -3.82
CA PHE B 64 15.80 -1.25 -5.23
C PHE B 64 16.93 -1.06 -6.23
N LYS B 65 18.18 -0.96 -5.76
CA LYS B 65 19.32 -0.73 -6.64
C LYS B 65 19.43 -1.66 -7.86
N SER B 66 19.21 -2.97 -7.67
CA SER B 66 19.29 -3.99 -8.73
C SER B 66 18.02 -4.08 -9.59
N LYS B 67 16.94 -3.45 -9.14
CA LYS B 67 15.62 -3.54 -9.74
C LYS B 67 15.23 -2.30 -10.54
N ALA B 68 15.49 -1.09 -10.01
CA ALA B 68 15.08 0.17 -10.61
C ALA B 68 16.18 1.02 -11.22
N THR B 69 15.82 1.75 -12.28
CA THR B 69 16.67 2.71 -13.01
C THR B 69 15.85 3.99 -13.25
N LEU B 70 16.33 5.12 -12.70
CA LEU B 70 15.67 6.42 -12.81
C LEU B 70 16.41 7.27 -13.82
N THR B 71 15.67 7.74 -14.85
CA THR B 71 16.19 8.60 -15.92
C THR B 71 15.22 9.77 -16.13
N ILE B 72 15.60 10.72 -17.03
CA ILE B 72 14.84 11.93 -17.34
C ILE B 72 14.92 12.34 -18.83
N ASP B 73 13.92 13.10 -19.27
CA ASP B 73 13.82 13.72 -20.59
C ASP B 73 13.28 15.12 -20.28
N THR B 74 14.19 16.00 -19.86
CA THR B 74 13.92 17.38 -19.42
C THR B 74 13.28 18.28 -20.47
N SER B 75 13.51 17.98 -21.77
CA SER B 75 12.95 18.72 -22.91
C SER B 75 11.44 18.51 -23.03
N SER B 76 10.94 17.38 -22.50
CA SER B 76 9.52 16.99 -22.50
C SER B 76 8.93 16.98 -21.07
N ASN B 77 9.71 17.48 -20.07
CA ASN B 77 9.36 17.61 -18.65
C ASN B 77 8.90 16.26 -18.05
N THR B 78 9.60 15.17 -18.42
CA THR B 78 9.25 13.80 -18.01
C THR B 78 10.36 13.09 -17.25
N ALA B 79 9.96 12.36 -16.18
CA ALA B 79 10.86 11.49 -15.41
C ALA B 79 10.41 10.05 -15.73
N TYR B 80 11.36 9.12 -15.77
CA TYR B 80 11.09 7.71 -16.07
C TYR B 80 11.66 6.79 -15.02
N MET B 81 10.97 5.66 -14.81
CA MET B 81 11.48 4.60 -13.95
C MET B 81 11.38 3.29 -14.71
N GLN B 82 12.46 2.54 -14.78
CA GLN B 82 12.49 1.25 -15.41
C GLN B 82 12.72 0.19 -14.34
N LEU B 83 11.89 -0.87 -14.34
CA LEU B 83 11.99 -1.98 -13.38
C LEU B 83 12.39 -3.20 -14.18
N SER B 84 13.42 -3.92 -13.74
CA SER B 84 13.92 -5.08 -14.50
C SER B 84 13.52 -6.44 -13.92
N SER B 85 13.45 -7.46 -14.81
CA SER B 85 13.16 -8.87 -14.51
C SER B 85 12.08 -9.00 -13.42
N LEU B 86 10.86 -8.61 -13.78
CA LEU B 86 9.73 -8.57 -12.84
C LEU B 86 9.26 -9.92 -12.29
N THR B 87 8.91 -9.94 -10.99
CA THR B 87 8.32 -11.11 -10.33
C THR B 87 6.99 -10.65 -9.70
N SER B 88 6.17 -11.59 -9.18
CA SER B 88 4.91 -11.22 -8.51
C SER B 88 5.13 -10.22 -7.34
N GLU B 89 6.33 -10.21 -6.75
CA GLU B 89 6.69 -9.27 -5.66
C GLU B 89 6.77 -7.82 -6.16
N ASP B 90 6.87 -7.63 -7.50
CA ASP B 90 6.94 -6.32 -8.15
C ASP B 90 5.55 -5.74 -8.49
N SER B 91 4.49 -6.55 -8.36
CA SER B 91 3.12 -6.06 -8.58
C SER B 91 2.81 -5.06 -7.45
N ALA B 92 2.49 -3.82 -7.83
CA ALA B 92 2.22 -2.72 -6.90
C ALA B 92 1.77 -1.49 -7.66
N VAL B 93 1.38 -0.45 -6.91
CA VAL B 93 1.10 0.86 -7.47
C VAL B 93 2.43 1.64 -7.31
N TYR B 94 2.96 2.16 -8.42
CA TYR B 94 4.18 2.96 -8.41
C TYR B 94 3.86 4.42 -8.60
N TYR B 95 4.19 5.25 -7.59
CA TYR B 95 3.94 6.67 -7.63
C TYR B 95 5.18 7.47 -7.90
N CYS B 96 5.01 8.61 -8.56
CA CYS B 96 6.09 9.57 -8.65
C CYS B 96 5.54 10.74 -7.87
N THR B 97 6.42 11.63 -7.41
CA THR B 97 5.99 12.81 -6.68
C THR B 97 7.05 13.91 -6.80
N ARG B 98 6.62 15.15 -6.63
CA ARG B 98 7.55 16.28 -6.61
C ARG B 98 8.12 16.32 -5.21
N GLY B 99 9.39 16.69 -5.10
CA GLY B 99 10.09 16.76 -3.83
C GLY B 99 10.91 18.02 -3.63
N GLY B 100 11.68 18.01 -2.56
CA GLY B 100 12.51 19.12 -2.14
C GLY B 100 12.73 19.11 -0.63
N SER B 101 13.15 20.26 -0.08
CA SER B 101 13.45 20.38 1.36
C SER B 101 12.26 20.09 2.26
N HIS B 102 11.04 20.19 1.74
CA HIS B 102 9.82 19.97 2.50
C HIS B 102 9.22 18.57 2.24
N ALA B 103 9.99 17.72 1.54
CA ALA B 103 9.64 16.35 1.12
C ALA B 103 8.52 16.34 0.05
N MET B 104 7.98 15.15 -0.27
CA MET B 104 6.94 15.00 -1.29
C MET B 104 5.80 15.92 -1.01
N ASP B 105 5.37 16.71 -2.00
CA ASP B 105 4.16 17.51 -1.79
C ASP B 105 3.06 16.99 -2.73
N TYR B 106 3.22 17.19 -4.03
CA TYR B 106 2.26 16.73 -5.04
C TYR B 106 2.62 15.33 -5.53
N TRP B 107 1.66 14.40 -5.49
CA TRP B 107 1.87 13.03 -5.95
C TRP B 107 1.15 12.79 -7.27
N GLY B 108 1.75 11.95 -8.11
CA GLY B 108 1.14 11.55 -9.37
C GLY B 108 -0.02 10.62 -9.08
N GLN B 109 -0.78 10.21 -10.12
CA GLN B 109 -1.92 9.31 -9.89
C GLN B 109 -1.55 7.85 -9.65
N GLY B 110 -0.30 7.49 -9.92
CA GLY B 110 0.19 6.13 -9.75
C GLY B 110 -0.03 5.22 -10.94
N THR B 111 0.96 4.35 -11.19
CA THR B 111 0.89 3.34 -12.25
C THR B 111 0.72 1.98 -11.59
N SER B 112 -0.39 1.30 -11.87
CA SER B 112 -0.67 -0.03 -11.31
C SER B 112 0.00 -1.11 -12.15
N VAL B 113 1.06 -1.72 -11.63
CA VAL B 113 1.78 -2.77 -12.36
C VAL B 113 1.31 -4.12 -11.86
N THR B 114 0.90 -5.00 -12.77
CA THR B 114 0.48 -6.37 -12.45
C THR B 114 1.46 -7.31 -13.15
N VAL B 115 2.10 -8.20 -12.38
CA VAL B 115 3.06 -9.15 -12.96
C VAL B 115 2.35 -10.49 -13.10
N SER B 116 2.07 -10.92 -14.35
CA SER B 116 1.30 -12.15 -14.55
C SER B 116 1.43 -12.70 -15.95
N SER B 117 1.34 -14.02 -16.07
CA SER B 117 1.36 -14.68 -17.38
C SER B 117 -0.06 -14.93 -17.87
N ALA B 118 -1.09 -14.53 -17.08
CA ALA B 118 -2.49 -14.78 -17.45
C ALA B 118 -2.91 -14.10 -18.72
N LYS B 119 -3.90 -14.72 -19.41
CA LYS B 119 -4.54 -14.16 -20.61
C LYS B 119 -5.81 -13.48 -20.15
N THR B 120 -6.34 -12.57 -20.97
CA THR B 120 -7.65 -11.98 -20.69
C THR B 120 -8.64 -13.16 -20.67
N THR B 121 -9.45 -13.25 -19.61
CA THR B 121 -10.39 -14.34 -19.37
C THR B 121 -11.73 -13.80 -18.88
N PRO B 122 -12.84 -14.13 -19.56
CA PRO B 122 -14.14 -13.65 -19.09
C PRO B 122 -14.55 -14.33 -17.79
N PRO B 123 -15.34 -13.65 -16.96
CA PRO B 123 -15.79 -14.29 -15.70
C PRO B 123 -16.87 -15.33 -15.96
N SER B 124 -16.98 -16.28 -15.02
CA SER B 124 -18.10 -17.22 -14.93
C SER B 124 -18.95 -16.61 -13.83
N VAL B 125 -20.26 -16.41 -14.08
CA VAL B 125 -21.12 -15.77 -13.11
C VAL B 125 -22.11 -16.80 -12.57
N TYR B 126 -22.07 -17.03 -11.27
CA TYR B 126 -22.90 -18.04 -10.64
C TYR B 126 -23.86 -17.43 -9.65
N PRO B 127 -25.13 -17.86 -9.66
CA PRO B 127 -26.08 -17.30 -8.69
C PRO B 127 -25.87 -17.87 -7.31
N LEU B 128 -26.14 -17.06 -6.30
CA LEU B 128 -26.09 -17.48 -4.90
C LEU B 128 -27.49 -17.29 -4.36
N ALA B 129 -28.26 -18.39 -4.36
CA ALA B 129 -29.62 -18.36 -3.86
C ALA B 129 -29.77 -19.33 -2.69
N PRO B 130 -30.61 -19.03 -1.68
CA PRO B 130 -30.75 -20.00 -0.57
C PRO B 130 -31.17 -21.38 -1.08
N GLY B 131 -30.54 -22.41 -0.53
CA GLY B 131 -30.80 -23.80 -0.89
C GLY B 131 -32.13 -24.31 -0.39
N THR B 136 -35.23 -19.15 6.70
CA THR B 136 -35.37 -17.84 6.06
C THR B 136 -35.06 -16.60 6.94
N GLY B 137 -36.08 -16.00 7.55
CA GLY B 137 -35.99 -14.70 8.18
C GLY B 137 -36.89 -13.69 7.47
N SER B 138 -37.07 -12.50 8.04
CA SER B 138 -37.87 -11.43 7.44
C SER B 138 -37.14 -10.79 6.26
N SER B 139 -35.82 -11.00 6.17
CA SER B 139 -34.98 -10.55 5.05
C SER B 139 -34.33 -11.76 4.40
N VAL B 140 -34.06 -11.63 3.10
CA VAL B 140 -33.37 -12.65 2.32
C VAL B 140 -32.14 -12.04 1.64
N THR B 141 -31.00 -12.72 1.76
CA THR B 141 -29.78 -12.29 1.10
C THR B 141 -29.52 -13.17 -0.09
N LEU B 142 -29.22 -12.52 -1.22
CA LEU B 142 -28.92 -13.17 -2.49
C LEU B 142 -27.57 -12.67 -2.95
N GLY B 143 -26.93 -13.43 -3.84
CA GLY B 143 -25.63 -13.00 -4.32
C GLY B 143 -25.29 -13.48 -5.72
N CYS B 144 -24.14 -13.01 -6.21
CA CYS B 144 -23.53 -13.51 -7.42
C CYS B 144 -22.05 -13.73 -7.18
N LEU B 145 -21.55 -14.89 -7.58
CA LEU B 145 -20.11 -15.24 -7.47
C LEU B 145 -19.53 -15.02 -8.87
N VAL B 146 -18.52 -14.15 -9.00
CA VAL B 146 -17.95 -13.79 -10.29
C VAL B 146 -16.54 -14.35 -10.26
N LYS B 147 -16.34 -15.50 -10.95
CA LYS B 147 -15.15 -16.31 -10.81
C LYS B 147 -14.31 -16.53 -12.05
N GLY B 148 -13.00 -16.58 -11.85
CA GLY B 148 -12.03 -16.93 -12.89
C GLY B 148 -11.86 -15.93 -14.00
N TYR B 149 -11.83 -14.63 -13.67
CA TYR B 149 -11.61 -13.60 -14.70
C TYR B 149 -10.24 -12.93 -14.60
N PHE B 150 -9.83 -12.26 -15.68
CA PHE B 150 -8.56 -11.55 -15.70
C PHE B 150 -8.63 -10.56 -16.86
N PRO B 151 -8.15 -9.31 -16.71
CA PRO B 151 -7.55 -8.69 -15.51
C PRO B 151 -8.62 -8.22 -14.54
N GLU B 152 -8.18 -7.68 -13.40
CA GLU B 152 -9.00 -7.30 -12.26
C GLU B 152 -9.71 -6.02 -12.37
N SER B 153 -10.88 -6.07 -13.01
CA SER B 153 -11.73 -4.90 -13.18
C SER B 153 -13.14 -5.34 -13.58
N VAL B 154 -14.02 -5.62 -12.61
CA VAL B 154 -15.42 -5.97 -12.90
C VAL B 154 -16.35 -5.03 -12.12
N THR B 155 -17.60 -4.90 -12.56
CA THR B 155 -18.62 -4.17 -11.82
C THR B 155 -19.83 -5.08 -11.73
N VAL B 156 -20.52 -5.06 -10.59
CA VAL B 156 -21.71 -5.90 -10.39
C VAL B 156 -22.79 -4.96 -9.90
N THR B 157 -23.94 -4.93 -10.60
CA THR B 157 -25.09 -4.14 -10.17
C THR B 157 -26.26 -5.07 -9.95
N TRP B 158 -27.27 -4.59 -9.24
CA TRP B 158 -28.48 -5.35 -8.95
C TRP B 158 -29.68 -4.61 -9.51
N ASN B 159 -30.48 -5.33 -10.34
CA ASN B 159 -31.62 -4.77 -11.09
C ASN B 159 -31.19 -3.49 -11.83
N SER B 160 -30.07 -3.62 -12.53
CA SER B 160 -29.46 -2.54 -13.36
C SER B 160 -29.15 -1.27 -12.52
N GLY B 161 -28.87 -1.44 -11.22
CA GLY B 161 -28.57 -0.36 -10.30
C GLY B 161 -29.74 0.13 -9.44
N SER B 162 -30.98 -0.38 -9.71
CA SER B 162 -32.19 0.00 -8.94
C SER B 162 -32.13 -0.47 -7.47
N LEU B 163 -31.43 -1.60 -7.20
CA LEU B 163 -31.22 -2.08 -5.83
C LEU B 163 -29.80 -1.66 -5.47
N SER B 164 -29.63 -0.74 -4.51
CA SER B 164 -28.30 -0.24 -4.14
C SER B 164 -28.07 -0.12 -2.65
N SER B 165 -29.15 0.15 -1.90
CA SER B 165 -29.06 0.41 -0.45
C SER B 165 -28.48 -0.70 0.40
N SER B 166 -28.70 -1.94 0.01
CA SER B 166 -28.26 -3.05 0.81
C SER B 166 -27.19 -3.93 0.17
N VAL B 167 -26.53 -3.42 -0.85
CA VAL B 167 -25.59 -4.17 -1.62
C VAL B 167 -24.19 -4.14 -0.98
N HIS B 168 -23.47 -5.24 -1.04
CA HIS B 168 -22.09 -5.35 -0.60
C HIS B 168 -21.24 -5.83 -1.77
N THR B 169 -20.16 -5.15 -2.05
CA THR B 169 -19.25 -5.56 -3.12
C THR B 169 -17.99 -6.04 -2.43
N PHE B 170 -17.62 -7.30 -2.62
CA PHE B 170 -16.44 -7.83 -1.95
C PHE B 170 -15.21 -7.71 -2.82
N PRO B 171 -14.09 -7.19 -2.28
CA PRO B 171 -12.86 -7.03 -3.09
C PRO B 171 -12.44 -8.36 -3.69
N ALA B 172 -11.88 -8.33 -4.92
CA ALA B 172 -11.45 -9.52 -5.61
C ALA B 172 -10.22 -10.12 -4.95
N LEU B 173 -10.07 -11.43 -5.13
CA LEU B 173 -8.92 -12.19 -4.63
C LEU B 173 -8.33 -12.96 -5.77
N LEU B 174 -7.03 -13.24 -5.70
CA LEU B 174 -6.37 -14.07 -6.69
C LEU B 174 -6.61 -15.54 -6.31
N GLN B 175 -7.09 -16.34 -7.29
CA GLN B 175 -7.41 -17.76 -7.11
C GLN B 175 -7.09 -18.48 -8.42
N SER B 176 -6.03 -19.32 -8.39
CA SER B 176 -5.52 -20.13 -9.52
C SER B 176 -5.04 -19.26 -10.72
N GLY B 177 -4.37 -18.14 -10.42
CA GLY B 177 -3.86 -17.18 -11.39
C GLY B 177 -4.94 -16.26 -11.97
N LEU B 178 -6.17 -16.38 -11.46
CA LEU B 178 -7.30 -15.58 -11.96
C LEU B 178 -8.00 -14.91 -10.79
N TYR B 179 -8.89 -13.96 -11.06
CA TYR B 179 -9.59 -13.29 -9.96
C TYR B 179 -10.98 -13.83 -9.68
N THR B 180 -11.39 -13.72 -8.41
CA THR B 180 -12.73 -14.05 -7.99
C THR B 180 -13.26 -12.98 -7.07
N MET B 181 -14.52 -12.60 -7.28
CA MET B 181 -15.15 -11.67 -6.37
C MET B 181 -16.62 -12.08 -6.19
N SER B 182 -17.29 -11.45 -5.25
CA SER B 182 -18.73 -11.68 -5.06
C SER B 182 -19.41 -10.38 -4.67
N SER B 183 -20.72 -10.39 -4.83
CA SER B 183 -21.59 -9.30 -4.48
C SER B 183 -22.84 -9.88 -3.85
N SER B 184 -23.36 -9.21 -2.79
CA SER B 184 -24.59 -9.62 -2.11
C SER B 184 -25.62 -8.46 -2.10
N VAL B 185 -26.91 -8.81 -2.03
CA VAL B 185 -28.02 -7.85 -1.93
C VAL B 185 -28.99 -8.45 -0.92
N THR B 186 -29.65 -7.60 -0.13
CA THR B 186 -30.62 -8.06 0.88
C THR B 186 -31.94 -7.35 0.65
N VAL B 187 -33.01 -8.14 0.53
CA VAL B 187 -34.36 -7.59 0.30
C VAL B 187 -35.32 -8.19 1.34
N PRO B 188 -36.47 -7.55 1.60
CA PRO B 188 -37.42 -8.15 2.54
C PRO B 188 -37.90 -9.49 1.98
N SER B 189 -38.05 -10.51 2.85
CA SER B 189 -38.45 -11.84 2.40
C SER B 189 -39.76 -11.94 1.62
N SER B 190 -40.71 -11.06 1.92
CA SER B 190 -42.00 -11.05 1.24
C SER B 190 -41.90 -10.58 -0.25
N THR B 191 -40.75 -9.98 -0.63
CA THR B 191 -40.57 -9.42 -1.98
C THR B 191 -39.79 -10.29 -2.96
N TRP B 192 -39.34 -11.45 -2.50
CA TRP B 192 -38.59 -12.35 -3.38
C TRP B 192 -39.07 -13.76 -3.10
N PRO B 193 -39.41 -14.54 -4.14
CA PRO B 193 -39.22 -14.29 -5.58
C PRO B 193 -40.24 -13.41 -6.29
N SER B 194 -41.25 -12.88 -5.59
CA SER B 194 -42.32 -12.09 -6.20
C SER B 194 -41.87 -10.88 -7.04
N GLN B 195 -40.84 -10.15 -6.56
CA GLN B 195 -40.27 -9.01 -7.26
C GLN B 195 -38.85 -9.43 -7.61
N THR B 196 -38.60 -9.68 -8.91
CA THR B 196 -37.35 -10.27 -9.40
C THR B 196 -36.10 -9.52 -8.99
N VAL B 197 -35.00 -10.28 -8.86
CA VAL B 197 -33.69 -9.77 -8.48
C VAL B 197 -32.70 -10.42 -9.42
N THR B 198 -31.95 -9.59 -10.13
CA THR B 198 -30.99 -10.02 -11.15
C THR B 198 -29.67 -9.27 -10.98
N CYS B 199 -28.52 -10.00 -10.97
CA CYS B 199 -27.24 -9.29 -10.92
C CYS B 199 -26.75 -9.10 -12.35
N SER B 200 -26.10 -7.95 -12.64
CA SER B 200 -25.55 -7.64 -13.97
C SER B 200 -24.05 -7.47 -13.76
N VAL B 201 -23.25 -8.25 -14.47
CA VAL B 201 -21.80 -8.22 -14.34
C VAL B 201 -21.20 -7.66 -15.61
N ALA B 202 -20.25 -6.72 -15.49
CA ALA B 202 -19.54 -6.15 -16.66
C ALA B 202 -18.06 -6.36 -16.44
N HIS B 203 -17.37 -6.93 -17.43
CA HIS B 203 -15.92 -7.13 -17.38
C HIS B 203 -15.39 -6.49 -18.70
N PRO B 204 -15.14 -5.17 -18.73
CA PRO B 204 -14.76 -4.51 -19.99
C PRO B 204 -13.60 -5.10 -20.75
N ALA B 205 -12.56 -5.60 -20.03
CA ALA B 205 -11.38 -6.16 -20.69
C ALA B 205 -11.69 -7.32 -21.61
N SER B 206 -12.76 -8.07 -21.30
CA SER B 206 -13.15 -9.21 -22.14
C SER B 206 -14.45 -8.90 -22.87
N SER B 207 -14.88 -7.61 -22.84
CA SER B 207 -16.14 -7.15 -23.44
C SER B 207 -17.34 -8.03 -22.99
N THR B 208 -17.35 -8.47 -21.72
CA THR B 208 -18.37 -9.37 -21.21
C THR B 208 -19.41 -8.65 -20.38
N THR B 209 -20.69 -9.02 -20.62
CA THR B 209 -21.85 -8.58 -19.85
C THR B 209 -22.66 -9.85 -19.57
N VAL B 210 -23.04 -10.05 -18.31
CA VAL B 210 -23.81 -11.24 -17.97
C VAL B 210 -24.90 -10.76 -17.06
N ASP B 211 -26.14 -11.18 -17.32
CA ASP B 211 -27.27 -10.91 -16.44
C ASP B 211 -27.65 -12.27 -15.89
N LYS B 212 -27.72 -12.37 -14.56
CA LYS B 212 -28.10 -13.62 -13.90
C LYS B 212 -29.30 -13.39 -13.01
N LYS B 213 -30.47 -13.93 -13.40
CA LYS B 213 -31.67 -13.82 -12.59
C LYS B 213 -31.54 -14.79 -11.39
N LEU B 214 -31.84 -14.33 -10.18
CA LEU B 214 -31.83 -15.23 -8.98
C LEU B 214 -33.13 -16.00 -8.91
N GLU B 215 -33.02 -17.32 -8.82
CA GLU B 215 -34.19 -18.19 -8.78
C GLU B 215 -34.32 -18.93 -7.47
N PRO B 216 -35.57 -19.12 -6.97
CA PRO B 216 -35.76 -19.88 -5.71
C PRO B 216 -35.56 -21.37 -5.93
N ASP C 1 19.05 1.91 8.33
CA ASP C 1 17.88 2.70 7.90
C ASP C 1 17.03 3.10 9.08
N ILE C 2 16.34 4.23 8.94
CA ILE C 2 15.45 4.71 10.00
C ILE C 2 14.10 4.02 9.88
N VAL C 3 13.53 3.57 11.02
CA VAL C 3 12.21 2.94 11.05
C VAL C 3 11.22 3.95 11.64
N MET C 4 10.06 4.15 10.98
CA MET C 4 8.97 5.03 11.44
C MET C 4 7.82 4.12 11.83
N THR C 5 7.52 4.08 13.14
CA THR C 5 6.48 3.22 13.68
C THR C 5 5.17 3.94 13.99
N GLN C 6 4.08 3.48 13.35
CA GLN C 6 2.74 3.94 13.67
C GLN C 6 2.14 2.73 14.37
N SER C 7 2.13 2.74 15.73
CA SER C 7 1.66 1.64 16.56
C SER C 7 0.19 1.25 16.33
N GLN C 8 -0.65 2.22 15.91
CA GLN C 8 -2.08 1.95 15.70
C GLN C 8 -2.45 1.83 14.22
N LYS C 9 -2.71 0.60 13.76
CA LYS C 9 -3.11 0.38 12.37
C LYS C 9 -4.53 0.94 12.14
N PHE C 10 -5.36 0.90 13.18
CA PHE C 10 -6.74 1.42 13.11
C PHE C 10 -7.03 2.22 14.37
N MET C 11 -7.81 3.29 14.24
CA MET C 11 -8.27 4.08 15.37
C MET C 11 -9.72 4.42 15.16
N SER C 12 -10.56 4.25 16.21
CA SER C 12 -11.99 4.57 16.14
C SER C 12 -12.22 5.96 16.71
N THR C 13 -13.16 6.73 16.13
CA THR C 13 -13.49 8.07 16.58
C THR C 13 -14.96 8.37 16.27
N SER C 14 -15.45 9.54 16.71
CA SER C 14 -16.81 10.02 16.44
C SER C 14 -16.67 11.40 15.83
N VAL C 15 -17.59 11.78 14.93
CA VAL C 15 -17.57 13.08 14.28
C VAL C 15 -17.62 14.15 15.38
N GLY C 16 -16.66 15.08 15.35
CA GLY C 16 -16.59 16.16 16.32
C GLY C 16 -15.59 15.95 17.43
N ASP C 17 -15.03 14.72 17.54
CA ASP C 17 -14.03 14.42 18.56
C ASP C 17 -12.63 14.78 18.09
N ARG C 18 -11.64 14.63 19.01
CA ARG C 18 -10.22 14.85 18.74
C ARG C 18 -9.57 13.46 18.65
N VAL C 19 -8.64 13.28 17.69
CA VAL C 19 -7.89 12.04 17.54
C VAL C 19 -6.40 12.43 17.42
N SER C 20 -5.51 11.68 18.09
CA SER C 20 -4.07 11.93 18.02
C SER C 20 -3.41 10.67 17.45
N ILE C 21 -2.75 10.80 16.29
CA ILE C 21 -2.09 9.70 15.59
C ILE C 21 -0.60 9.81 15.81
N THR C 22 0.01 8.76 16.37
CA THR C 22 1.43 8.77 16.71
C THR C 22 2.32 8.10 15.69
N CYS C 23 3.55 8.63 15.62
CA CYS C 23 4.57 8.14 14.73
C CYS C 23 5.88 8.26 15.47
N LYS C 24 6.58 7.14 15.62
CA LYS C 24 7.84 7.12 16.38
C LYS C 24 9.01 6.76 15.48
N ALA C 25 10.04 7.64 15.45
CA ALA C 25 11.25 7.43 14.66
C ALA C 25 12.27 6.60 15.43
N SER C 26 13.03 5.75 14.75
CA SER C 26 14.04 4.96 15.42
C SER C 26 15.34 5.69 15.77
N GLN C 27 15.49 6.89 15.27
CA GLN C 27 16.59 7.77 15.56
C GLN C 27 16.07 9.18 15.53
N ASN C 28 16.87 10.10 16.03
CA ASN C 28 16.53 11.50 16.05
C ASN C 28 16.47 12.04 14.63
N VAL C 29 15.29 12.43 14.21
CA VAL C 29 15.04 12.92 12.86
C VAL C 29 14.75 14.43 12.89
N ARG C 30 15.00 15.06 14.07
CA ARG C 30 14.80 16.49 14.30
C ARG C 30 13.34 16.85 14.03
N THR C 31 13.05 17.64 12.98
CA THR C 31 11.66 17.98 12.60
C THR C 31 11.40 17.57 11.14
N SER C 32 12.22 16.68 10.59
CA SER C 32 12.07 16.28 9.19
C SER C 32 11.05 15.15 9.01
N VAL C 33 9.78 15.45 9.34
CA VAL C 33 8.68 14.47 9.27
C VAL C 33 7.51 15.13 8.57
N ALA C 34 6.97 14.46 7.53
CA ALA C 34 5.79 14.89 6.80
C ALA C 34 4.64 13.93 7.10
N TRP C 35 3.39 14.44 7.04
CA TRP C 35 2.17 13.63 7.22
C TRP C 35 1.34 13.70 5.95
N TYR C 36 0.80 12.55 5.52
CA TYR C 36 -0.04 12.42 4.33
C TYR C 36 -1.36 11.74 4.66
N GLN C 37 -2.40 12.12 3.93
CA GLN C 37 -3.73 11.53 4.02
C GLN C 37 -3.95 10.77 2.71
N GLN C 38 -4.53 9.56 2.77
CA GLN C 38 -4.83 8.77 1.58
C GLN C 38 -6.16 8.05 1.73
N LYS C 39 -7.03 8.18 0.71
CA LYS C 39 -8.32 7.51 0.67
C LYS C 39 -8.27 6.35 -0.35
N PRO C 40 -9.09 5.28 -0.20
CA PRO C 40 -9.01 4.16 -1.16
C PRO C 40 -9.10 4.57 -2.62
N GLY C 41 -8.20 4.04 -3.44
CA GLY C 41 -8.10 4.32 -4.87
C GLY C 41 -7.58 5.70 -5.26
N GLN C 42 -7.19 6.53 -4.27
CA GLN C 42 -6.70 7.88 -4.50
C GLN C 42 -5.22 8.00 -4.14
N SER C 43 -4.56 9.02 -4.69
CA SER C 43 -3.16 9.35 -4.41
C SER C 43 -3.05 10.04 -3.05
N PRO C 44 -1.92 9.90 -2.32
CA PRO C 44 -1.78 10.61 -1.02
C PRO C 44 -1.85 12.11 -1.22
N LYS C 45 -2.31 12.83 -0.20
CA LYS C 45 -2.41 14.29 -0.16
C LYS C 45 -1.51 14.76 0.98
N ALA C 46 -0.66 15.76 0.72
CA ALA C 46 0.27 16.29 1.72
C ALA C 46 -0.47 17.15 2.75
N LEU C 47 -0.29 16.84 4.05
CA LEU C 47 -0.98 17.59 5.12
C LEU C 47 -0.04 18.48 5.87
N ILE C 48 1.06 17.89 6.40
CA ILE C 48 2.02 18.60 7.26
C ILE C 48 3.45 18.41 6.73
N TYR C 49 4.24 19.50 6.79
CA TYR C 49 5.65 19.43 6.40
C TYR C 49 6.50 19.93 7.56
N LEU C 50 7.69 19.40 7.71
CA LEU C 50 8.57 19.70 8.83
C LEU C 50 7.87 19.68 10.19
N ALA C 51 7.18 18.59 10.43
CA ALA C 51 6.60 18.23 11.70
C ALA C 51 5.39 19.02 12.13
N SER C 52 5.40 20.31 11.88
CA SER C 52 4.36 21.17 12.41
C SER C 52 3.78 22.22 11.50
N ASN C 53 4.15 22.26 10.23
CA ASN C 53 3.69 23.26 9.28
C ASN C 53 2.58 22.74 8.40
N ARG C 54 1.47 23.46 8.33
CA ARG C 54 0.31 23.01 7.56
C ARG C 54 0.42 23.45 6.10
N HIS C 55 0.22 22.51 5.16
CA HIS C 55 0.24 22.83 3.72
C HIS C 55 -0.93 23.75 3.38
N THR C 56 -0.77 24.59 2.33
CA THR C 56 -1.81 25.53 1.88
C THR C 56 -3.05 24.73 1.47
N GLY C 57 -4.21 25.17 1.93
CA GLY C 57 -5.49 24.55 1.63
C GLY C 57 -5.96 23.52 2.63
N VAL C 58 -5.05 23.02 3.49
CA VAL C 58 -5.37 22.01 4.49
C VAL C 58 -6.15 22.65 5.65
N PRO C 59 -7.31 22.07 6.06
CA PRO C 59 -8.09 22.67 7.16
C PRO C 59 -7.30 22.82 8.46
N ASP C 60 -7.62 23.84 9.25
CA ASP C 60 -6.95 24.09 10.53
C ASP C 60 -7.26 23.07 11.63
N ARG C 61 -8.14 22.11 11.33
CA ARG C 61 -8.47 20.95 12.17
C ARG C 61 -7.22 20.09 12.35
N PHE C 62 -6.33 20.11 11.35
CA PHE C 62 -5.09 19.33 11.31
C PHE C 62 -3.90 20.12 11.86
N THR C 63 -3.23 19.57 12.89
CA THR C 63 -2.02 20.14 13.46
C THR C 63 -1.01 19.02 13.64
N GLY C 64 0.25 19.31 13.41
CA GLY C 64 1.34 18.36 13.61
C GLY C 64 2.24 18.85 14.72
N SER C 65 2.83 17.93 15.49
CA SER C 65 3.75 18.35 16.56
C SER C 65 4.80 17.29 16.82
N GLY C 66 5.84 17.70 17.54
CA GLY C 66 6.93 16.83 17.91
C GLY C 66 8.25 17.18 17.26
N SER C 67 9.33 16.71 17.88
CA SER C 67 10.71 16.84 17.39
C SER C 67 11.52 15.73 18.01
N GLY C 68 12.51 15.23 17.28
CA GLY C 68 13.34 14.17 17.81
C GLY C 68 12.86 12.83 17.31
N THR C 69 12.11 12.08 18.17
CA THR C 69 11.60 10.75 17.80
C THR C 69 10.07 10.67 17.87
N ASP C 70 9.42 11.50 18.71
CA ASP C 70 7.98 11.38 18.91
C ASP C 70 7.15 12.42 18.19
N PHE C 71 6.41 11.97 17.16
CA PHE C 71 5.58 12.86 16.31
C PHE C 71 4.12 12.51 16.41
N THR C 72 3.25 13.54 16.36
CA THR C 72 1.82 13.34 16.48
C THR C 72 1.10 14.20 15.46
N LEU C 73 0.11 13.60 14.78
CA LEU C 73 -0.82 14.32 13.91
C LEU C 73 -2.12 14.38 14.73
N THR C 74 -2.58 15.60 15.04
CA THR C 74 -3.80 15.78 15.80
C THR C 74 -4.89 16.28 14.88
N ILE C 75 -6.07 15.63 14.93
CA ILE C 75 -7.20 16.09 14.12
C ILE C 75 -8.27 16.49 15.13
N SER C 76 -8.55 17.79 15.22
CA SER C 76 -9.58 18.25 16.14
C SER C 76 -10.90 18.36 15.37
N ASN C 77 -12.02 18.24 16.08
CA ASN C 77 -13.37 18.32 15.51
C ASN C 77 -13.48 17.42 14.25
N VAL C 78 -13.09 16.12 14.37
CA VAL C 78 -13.10 15.16 13.27
C VAL C 78 -14.36 15.28 12.41
N GLN C 79 -14.15 15.39 11.09
CA GLN C 79 -15.26 15.42 10.17
C GLN C 79 -15.32 14.08 9.43
N SER C 80 -16.48 13.73 8.83
CA SER C 80 -16.61 12.47 8.09
C SER C 80 -15.68 12.41 6.88
N GLU C 81 -15.29 13.58 6.30
CA GLU C 81 -14.32 13.62 5.20
C GLU C 81 -12.87 13.34 5.67
N ASP C 82 -12.65 13.26 7.00
CA ASP C 82 -11.34 12.96 7.58
C ASP C 82 -11.10 11.46 7.74
N LEU C 83 -12.13 10.65 7.48
CA LEU C 83 -12.01 9.20 7.58
C LEU C 83 -11.22 8.76 6.39
N ALA C 84 -10.00 8.33 6.68
CA ALA C 84 -8.99 7.99 5.69
C ALA C 84 -7.81 7.33 6.37
N ASP C 85 -6.79 7.02 5.57
CA ASP C 85 -5.51 6.49 6.02
C ASP C 85 -4.57 7.69 6.20
N TYR C 86 -3.72 7.62 7.22
CA TYR C 86 -2.75 8.67 7.52
C TYR C 86 -1.42 8.02 7.72
N PHE C 87 -0.38 8.56 7.11
CA PHE C 87 0.95 8.00 7.33
C PHE C 87 1.99 9.11 7.39
N CYS C 88 3.08 8.83 8.13
CA CYS C 88 4.18 9.77 8.30
C CYS C 88 5.35 9.31 7.42
N LEU C 89 6.30 10.22 7.21
CA LEU C 89 7.48 9.97 6.40
C LEU C 89 8.66 10.75 7.00
N GLN C 90 9.80 10.09 7.21
CA GLN C 90 11.00 10.84 7.61
C GLN C 90 11.80 11.14 6.35
N HIS C 91 12.33 12.34 6.29
CA HIS C 91 13.20 12.76 5.19
C HIS C 91 14.42 13.49 5.74
N TRP C 92 14.89 13.02 6.91
CA TRP C 92 16.09 13.46 7.58
C TRP C 92 17.31 12.95 6.82
N THR C 93 17.23 11.70 6.30
CA THR C 93 18.33 11.12 5.53
C THR C 93 17.83 10.00 4.61
N TYR C 94 18.60 9.69 3.57
CA TYR C 94 18.25 8.60 2.70
C TYR C 94 18.57 7.25 3.39
N PRO C 95 17.78 6.20 3.12
CA PRO C 95 16.56 6.23 2.29
C PRO C 95 15.42 6.82 3.11
N TYR C 96 14.54 7.60 2.46
CA TYR C 96 13.35 8.10 3.13
C TYR C 96 12.48 6.89 3.50
N THR C 97 11.86 6.94 4.67
CA THR C 97 11.05 5.80 5.15
C THR C 97 9.74 6.28 5.68
N PHE C 98 8.70 5.47 5.46
CA PHE C 98 7.32 5.77 5.84
C PHE C 98 6.81 4.93 7.00
N GLY C 99 5.89 5.50 7.75
CA GLY C 99 5.17 4.77 8.79
C GLY C 99 4.21 3.84 8.07
N GLY C 100 3.75 2.80 8.78
CA GLY C 100 2.88 1.78 8.21
C GLY C 100 1.43 2.18 7.99
N GLY C 101 1.07 3.37 8.44
CA GLY C 101 -0.28 3.90 8.27
C GLY C 101 -1.21 3.63 9.43
N THR C 102 -2.20 4.49 9.57
CA THR C 102 -3.24 4.41 10.58
C THR C 102 -4.53 4.77 9.87
N LYS C 103 -5.50 3.89 9.90
CA LYS C 103 -6.78 4.13 9.27
C LYS C 103 -7.78 4.62 10.32
N LEU C 104 -8.41 5.75 10.04
CA LEU C 104 -9.36 6.39 10.93
C LEU C 104 -10.77 5.94 10.55
N GLU C 105 -11.48 5.31 11.49
CA GLU C 105 -12.81 4.75 11.29
C GLU C 105 -13.79 5.31 12.31
N ILE C 106 -15.09 5.15 12.03
CA ILE C 106 -16.16 5.65 12.87
C ILE C 106 -16.69 4.60 13.85
N LYS C 107 -16.86 5.02 15.09
CA LYS C 107 -17.38 4.21 16.19
C LYS C 107 -18.90 4.11 16.03
N ARG C 108 -19.45 2.94 16.34
CA ARG C 108 -20.90 2.66 16.30
C ARG C 108 -21.21 1.54 17.28
N ALA C 109 -22.50 1.23 17.50
CA ALA C 109 -22.90 0.18 18.43
C ALA C 109 -22.48 -1.20 17.88
N ASP C 110 -22.10 -2.14 18.77
CA ASP C 110 -21.74 -3.50 18.34
C ASP C 110 -22.92 -4.15 17.64
N ALA C 111 -22.64 -4.90 16.56
CA ALA C 111 -23.68 -5.56 15.79
C ALA C 111 -23.21 -6.93 15.40
N ALA C 112 -24.06 -7.95 15.62
CA ALA C 112 -23.75 -9.33 15.25
C ALA C 112 -23.80 -9.48 13.74
N PRO C 113 -23.01 -10.37 13.12
CA PRO C 113 -23.13 -10.53 11.66
C PRO C 113 -24.42 -11.23 11.26
N THR C 114 -24.91 -10.93 10.05
CA THR C 114 -26.02 -11.69 9.46
C THR C 114 -25.33 -12.72 8.58
N VAL C 115 -25.48 -14.01 8.92
CA VAL C 115 -24.77 -15.08 8.23
C VAL C 115 -25.71 -15.81 7.28
N SER C 116 -25.28 -15.95 6.00
CA SER C 116 -26.04 -16.67 4.97
C SER C 116 -25.14 -17.65 4.24
N ILE C 117 -25.56 -18.92 4.11
CA ILE C 117 -24.79 -19.94 3.39
C ILE C 117 -25.45 -20.30 2.06
N PHE C 118 -24.64 -20.60 1.04
CA PHE C 118 -25.15 -20.91 -0.28
C PHE C 118 -24.46 -22.10 -0.86
N PRO C 119 -25.24 -23.06 -1.35
CA PRO C 119 -24.64 -24.22 -1.98
C PRO C 119 -24.08 -23.85 -3.37
N PRO C 120 -23.23 -24.70 -3.97
CA PRO C 120 -22.79 -24.44 -5.35
C PRO C 120 -24.01 -24.40 -6.28
N SER C 121 -23.96 -23.54 -7.32
CA SER C 121 -25.05 -23.46 -8.29
C SER C 121 -25.02 -24.69 -9.20
N SER C 122 -26.16 -25.03 -9.82
CA SER C 122 -26.19 -26.15 -10.77
C SER C 122 -25.30 -25.80 -11.98
N GLU C 123 -25.20 -24.50 -12.33
CA GLU C 123 -24.37 -24.04 -13.44
C GLU C 123 -22.88 -24.37 -13.13
N GLN C 124 -22.40 -24.03 -11.92
CA GLN C 124 -21.02 -24.33 -11.57
C GLN C 124 -20.74 -25.83 -11.55
N LEU C 125 -21.66 -26.61 -10.99
CA LEU C 125 -21.55 -28.07 -10.89
C LEU C 125 -21.41 -28.73 -12.26
N THR C 126 -22.15 -28.22 -13.26
CA THR C 126 -22.06 -28.71 -14.64
C THR C 126 -20.59 -28.58 -15.16
N SER C 127 -19.84 -27.55 -14.71
CA SER C 127 -18.44 -27.30 -15.12
C SER C 127 -17.39 -28.06 -14.29
N GLY C 128 -17.83 -28.80 -13.26
CA GLY C 128 -16.93 -29.58 -12.43
C GLY C 128 -16.41 -28.91 -11.18
N GLY C 129 -16.94 -27.72 -10.87
CA GLY C 129 -16.54 -26.93 -9.72
C GLY C 129 -17.62 -26.89 -8.66
N ALA C 130 -17.22 -26.65 -7.41
CA ALA C 130 -18.14 -26.55 -6.30
C ALA C 130 -17.66 -25.52 -5.27
N SER C 131 -18.18 -24.28 -5.40
CA SER C 131 -17.82 -23.23 -4.46
C SER C 131 -18.99 -23.07 -3.48
N VAL C 132 -18.70 -23.16 -2.17
CA VAL C 132 -19.72 -22.99 -1.13
C VAL C 132 -19.44 -21.62 -0.54
N VAL C 133 -20.44 -20.73 -0.55
CA VAL C 133 -20.21 -19.35 -0.11
C VAL C 133 -20.95 -19.05 1.16
N CYS C 134 -20.31 -18.26 2.06
CA CYS C 134 -20.92 -17.79 3.29
C CYS C 134 -20.73 -16.27 3.35
N PHE C 135 -21.82 -15.48 3.44
CA PHE C 135 -21.68 -14.02 3.65
C PHE C 135 -21.87 -13.78 5.15
N LEU C 136 -21.01 -12.91 5.76
CA LEU C 136 -21.10 -12.56 7.19
C LEU C 136 -21.24 -11.04 7.11
N ASN C 137 -22.47 -10.55 7.11
CA ASN C 137 -22.73 -9.16 6.80
C ASN C 137 -23.14 -8.23 7.90
N ASN C 138 -22.75 -6.95 7.75
CA ASN C 138 -23.18 -5.85 8.60
C ASN C 138 -22.91 -6.04 10.08
N PHE C 139 -21.66 -6.38 10.41
CA PHE C 139 -21.24 -6.56 11.81
C PHE C 139 -20.33 -5.42 12.27
N TYR C 140 -20.15 -5.31 13.57
CA TYR C 140 -19.26 -4.30 14.17
C TYR C 140 -18.89 -4.77 15.58
N PRO C 141 -17.61 -4.75 16.02
CA PRO C 141 -16.38 -4.27 15.33
C PRO C 141 -15.89 -5.20 14.22
N LYS C 142 -14.83 -4.78 13.50
CA LYS C 142 -14.31 -5.46 12.31
C LYS C 142 -13.75 -6.87 12.52
N ASP C 143 -13.29 -7.17 13.74
CA ASP C 143 -12.68 -8.46 14.06
C ASP C 143 -13.72 -9.55 14.01
N ILE C 144 -13.42 -10.63 13.26
CA ILE C 144 -14.31 -11.77 13.10
C ILE C 144 -13.54 -13.02 12.67
N ASN C 145 -14.08 -14.19 12.99
CA ASN C 145 -13.45 -15.44 12.57
C ASN C 145 -14.47 -16.33 11.95
N VAL C 146 -14.09 -17.02 10.89
CA VAL C 146 -14.96 -17.97 10.18
C VAL C 146 -14.29 -19.33 10.17
N LYS C 147 -15.08 -20.39 10.44
CA LYS C 147 -14.58 -21.74 10.38
C LYS C 147 -15.54 -22.58 9.53
N TRP C 148 -15.00 -23.42 8.67
CA TRP C 148 -15.79 -24.30 7.83
C TRP C 148 -15.67 -25.72 8.31
N LYS C 149 -16.77 -26.49 8.17
CA LYS C 149 -16.75 -27.93 8.50
C LYS C 149 -17.45 -28.69 7.40
N ILE C 150 -16.89 -29.87 7.07
CA ILE C 150 -17.46 -30.74 6.07
C ILE C 150 -17.75 -32.03 6.83
N ASP C 151 -19.00 -32.47 6.83
CA ASP C 151 -19.38 -33.67 7.61
C ASP C 151 -18.84 -33.59 9.07
N GLY C 152 -18.92 -32.38 9.63
CA GLY C 152 -18.50 -32.09 11.00
C GLY C 152 -17.01 -31.91 11.27
N SER C 153 -16.16 -32.12 10.24
CA SER C 153 -14.69 -31.99 10.35
C SER C 153 -14.21 -30.67 9.82
N GLU C 154 -13.43 -29.93 10.63
CA GLU C 154 -12.87 -28.63 10.25
C GLU C 154 -12.07 -28.73 8.95
N ARG C 155 -12.33 -27.82 8.03
CA ARG C 155 -11.66 -27.73 6.74
C ARG C 155 -11.04 -26.35 6.61
N GLN C 156 -9.73 -26.26 6.36
CA GLN C 156 -9.02 -24.99 6.18
C GLN C 156 -8.57 -24.79 4.73
N ASN C 157 -8.09 -25.87 4.12
CA ASN C 157 -7.63 -25.89 2.73
C ASN C 157 -8.83 -25.61 1.78
N GLY C 158 -8.64 -24.67 0.86
CA GLY C 158 -9.65 -24.28 -0.11
C GLY C 158 -10.50 -23.10 0.30
N VAL C 159 -10.22 -22.51 1.48
CA VAL C 159 -10.99 -21.37 1.99
C VAL C 159 -10.31 -20.07 1.64
N LEU C 160 -11.07 -19.13 1.02
CA LEU C 160 -10.59 -17.80 0.68
C LEU C 160 -11.59 -16.78 1.21
N ASN C 161 -11.06 -15.74 1.87
CA ASN C 161 -11.86 -14.70 2.50
C ASN C 161 -11.61 -13.33 1.92
N SER C 162 -12.68 -12.53 1.87
CA SER C 162 -12.64 -11.15 1.39
C SER C 162 -13.39 -10.26 2.36
N TRP C 163 -12.80 -9.12 2.73
CA TRP C 163 -13.40 -8.21 3.68
C TRP C 163 -13.66 -6.82 3.07
N THR C 164 -14.82 -6.24 3.36
CA THR C 164 -15.09 -4.87 2.86
C THR C 164 -14.50 -3.87 3.85
N ASP C 165 -14.31 -2.63 3.38
CA ASP C 165 -13.92 -1.52 4.23
C ASP C 165 -15.20 -1.11 4.96
N GLN C 166 -15.09 -0.25 5.98
CA GLN C 166 -16.26 0.22 6.72
C GLN C 166 -17.30 0.84 5.79
N ASP C 167 -18.58 0.42 5.93
CA ASP C 167 -19.67 0.93 5.10
C ASP C 167 -19.89 2.42 5.38
N SER C 168 -20.05 3.24 4.33
CA SER C 168 -20.26 4.68 4.54
C SER C 168 -21.61 4.99 5.18
N LYS C 169 -22.65 4.19 4.85
CA LYS C 169 -24.04 4.35 5.33
C LYS C 169 -24.31 3.88 6.77
N ASP C 170 -23.88 2.66 7.15
CA ASP C 170 -24.18 2.18 8.51
C ASP C 170 -22.97 1.93 9.41
N SER C 171 -21.74 2.21 8.91
CA SER C 171 -20.49 2.04 9.67
C SER C 171 -20.18 0.59 10.06
N THR C 172 -20.82 -0.38 9.38
CA THR C 172 -20.54 -1.80 9.66
C THR C 172 -19.50 -2.37 8.69
N TYR C 173 -19.08 -3.62 8.97
CA TYR C 173 -18.16 -4.36 8.12
C TYR C 173 -18.86 -5.60 7.61
N SER C 174 -18.38 -6.14 6.50
CA SER C 174 -18.92 -7.39 5.94
C SER C 174 -17.77 -8.25 5.43
N MET C 175 -18.02 -9.55 5.29
CA MET C 175 -16.99 -10.49 4.86
C MET C 175 -17.67 -11.59 4.02
N SER C 176 -16.96 -12.05 2.99
CA SER C 176 -17.39 -13.18 2.15
C SER C 176 -16.34 -14.28 2.36
N SER C 177 -16.78 -15.53 2.59
CA SER C 177 -15.87 -16.65 2.79
C SER C 177 -16.32 -17.73 1.81
N THR C 178 -15.39 -18.24 0.99
CA THR C 178 -15.73 -19.25 0.00
C THR C 178 -14.88 -20.45 0.16
N LEU C 179 -15.52 -21.61 0.29
CA LEU C 179 -14.82 -22.87 0.31
C LEU C 179 -14.94 -23.46 -1.09
N THR C 180 -13.79 -23.59 -1.80
CA THR C 180 -13.84 -24.16 -3.14
C THR C 180 -13.33 -25.59 -3.16
N LEU C 181 -14.16 -26.46 -3.70
CA LEU C 181 -13.87 -27.88 -3.84
C LEU C 181 -14.10 -28.26 -5.31
N THR C 182 -13.61 -29.43 -5.73
CA THR C 182 -13.97 -29.94 -7.05
C THR C 182 -15.34 -30.59 -6.85
N LYS C 183 -16.13 -30.77 -7.92
CA LYS C 183 -17.43 -31.42 -7.80
C LYS C 183 -17.27 -32.85 -7.25
N ASP C 184 -16.18 -33.54 -7.67
CA ASP C 184 -15.87 -34.93 -7.26
C ASP C 184 -15.73 -34.99 -5.73
N GLU C 185 -15.02 -34.04 -5.11
CA GLU C 185 -14.88 -34.05 -3.64
C GLU C 185 -16.15 -33.58 -2.97
N TYR C 186 -16.83 -32.57 -3.55
CA TYR C 186 -18.09 -32.07 -3.02
C TYR C 186 -19.15 -33.17 -2.97
N GLU C 187 -19.20 -34.04 -3.98
CA GLU C 187 -20.22 -35.10 -4.05
C GLU C 187 -19.91 -36.33 -3.20
N ARG C 188 -18.77 -36.31 -2.49
CA ARG C 188 -18.38 -37.40 -1.61
C ARG C 188 -18.64 -37.07 -0.15
N HIS C 189 -19.24 -35.88 0.11
CA HIS C 189 -19.60 -35.46 1.46
C HIS C 189 -21.01 -34.91 1.48
N ASN C 190 -21.62 -34.77 2.69
CA ASN C 190 -23.00 -34.32 2.74
C ASN C 190 -23.23 -32.95 3.34
N SER C 191 -22.74 -32.73 4.58
CA SER C 191 -23.01 -31.45 5.25
C SER C 191 -21.88 -30.46 5.11
N TYR C 192 -22.25 -29.20 4.86
CA TYR C 192 -21.32 -28.09 4.69
C TYR C 192 -21.78 -27.00 5.63
N THR C 193 -20.88 -26.57 6.51
CA THR C 193 -21.23 -25.60 7.55
C THR C 193 -20.23 -24.45 7.63
N CYS C 194 -20.72 -23.21 7.79
CA CYS C 194 -19.82 -22.08 8.07
C CYS C 194 -20.20 -21.55 9.45
N GLU C 195 -19.19 -21.27 10.29
CA GLU C 195 -19.42 -20.83 11.66
C GLU C 195 -18.72 -19.49 11.88
N ALA C 196 -19.47 -18.47 12.32
CA ALA C 196 -18.90 -17.14 12.57
C ALA C 196 -18.73 -16.90 14.06
N THR C 197 -17.52 -16.51 14.50
CA THR C 197 -17.28 -16.14 15.89
C THR C 197 -16.99 -14.63 15.94
N HIS C 198 -17.75 -13.92 16.75
CA HIS C 198 -17.68 -12.49 16.85
C HIS C 198 -17.91 -12.07 18.31
N LYS C 199 -17.40 -10.91 18.68
CA LYS C 199 -17.47 -10.49 20.08
C LYS C 199 -18.87 -10.29 20.62
N THR C 200 -19.86 -10.17 19.77
CA THR C 200 -21.22 -9.97 20.19
C THR C 200 -21.89 -11.16 20.88
N SER C 201 -21.31 -12.32 20.77
CA SER C 201 -21.82 -13.51 21.46
C SER C 201 -20.72 -14.51 21.74
N THR C 202 -20.86 -15.22 22.87
CA THR C 202 -19.99 -16.30 23.29
C THR C 202 -20.28 -17.54 22.42
N SER C 203 -21.50 -17.62 21.85
CA SER C 203 -21.91 -18.71 20.99
C SER C 203 -21.70 -18.31 19.52
N PRO C 204 -20.95 -19.09 18.74
CA PRO C 204 -20.86 -18.79 17.31
C PRO C 204 -22.18 -18.92 16.61
N ILE C 205 -22.33 -18.23 15.48
CA ILE C 205 -23.49 -18.34 14.62
C ILE C 205 -23.18 -19.36 13.56
N VAL C 206 -24.01 -20.36 13.43
CA VAL C 206 -23.70 -21.52 12.59
C VAL C 206 -24.74 -21.68 11.50
N LYS C 207 -24.32 -21.80 10.25
CA LYS C 207 -25.27 -22.06 9.19
C LYS C 207 -24.81 -23.25 8.41
N SER C 208 -25.74 -24.08 8.00
CA SER C 208 -25.38 -25.35 7.38
C SER C 208 -26.39 -25.80 6.35
N PHE C 209 -25.98 -26.70 5.45
CA PHE C 209 -26.87 -27.40 4.54
C PHE C 209 -26.37 -28.81 4.29
N ASN C 210 -27.30 -29.69 3.90
CA ASN C 210 -26.99 -31.07 3.50
C ASN C 210 -27.18 -31.14 1.99
N ARG C 211 -26.16 -31.64 1.29
CA ARG C 211 -26.16 -31.82 -0.16
C ARG C 211 -27.34 -32.72 -0.60
N ASN C 212 -27.72 -33.66 0.24
CA ASN C 212 -28.82 -34.56 -0.05
C ASN C 212 -30.19 -34.02 0.27
N GLU C 213 -30.28 -32.73 0.49
CA GLU C 213 -31.59 -32.14 0.59
C GLU C 213 -31.87 -31.29 -0.63
#